data_1IQ1
#
_entry.id   1IQ1
#
_cell.length_a   78.939
_cell.length_b   89.623
_cell.length_c   100.372
_cell.angle_alpha   90.00
_cell.angle_beta   90.00
_cell.angle_gamma   90.00
#
_symmetry.space_group_name_H-M   'P 21 21 21'
#
loop_
_entity.id
_entity.type
_entity.pdbx_description
1 polymer 'IMPORTIN ALPHA-2 SUBUNIT'
2 polymer 'IMPORTIN ALPHA-2 SUBUNIT'
3 water water
#
loop_
_entity_poly.entity_id
_entity_poly.type
_entity_poly.pdbx_seq_one_letter_code
_entity_poly.pdbx_strand_id
1 'polypeptide(L)' DENMLKRRNVS A,B
2 'polypeptide(L)'
;NQGTVNWSVEDIVKGINSNNLESQLQATQAARKLLSREKQPPIDNIIRAGLIPKFVSFLGKTDCSPIQFESAWALTNIAS
GTSEQTKAVVDGGAIPAFISLLASPHAHISEQAVWALGNIAGDGSAFRDLVIKHGAIDPLLALLAVPDLSTLACGYLRNL
TWTLSNLCRNKNPAPPLDAVEQILPTLVRLLHHNDPEVLADSCWAISYLTDGPNERIEMVVKKGVVPQLVKLLGATELPI
VTPALRAIGNIVTGTDEQTQKVIDAGALAVFPSLLTNPKTNIQKEATWTMSNITAGRQDQIQQVVNHGLVPFLVGVLSKA
DFKTQKEAAWAITNYTSGGTVEQIVYLVHCGIIEPLMNLLSAKDTKIIQVILDAISNIFQAAEKLGETEKLSIMIEECGG
LDKIEALQRHENESVYKASLNLIEKYFSVEEEEDQNVVPETTSEGFAFQVQDGAPGTFNF
;
C
#
# COMPACT_ATOMS: atom_id res chain seq x y z
N MET A 4 21.81 1.64 -8.59
CA MET A 4 20.56 2.39 -8.30
C MET A 4 20.41 2.64 -6.79
N LEU A 5 20.65 3.88 -6.36
CA LEU A 5 20.53 4.25 -4.96
C LEU A 5 19.07 4.13 -4.49
N LYS A 6 18.14 4.22 -5.44
CA LYS A 6 16.70 4.13 -5.17
C LYS A 6 16.35 2.70 -4.80
N ARG A 7 16.13 2.43 -3.52
CA ARG A 7 15.78 1.09 -3.09
C ARG A 7 14.30 0.91 -2.79
N ARG A 8 13.70 -0.05 -3.49
CA ARG A 8 12.29 -0.37 -3.33
C ARG A 8 12.06 -1.31 -2.14
N ASN A 9 12.23 -0.77 -0.94
CA ASN A 9 12.01 -1.52 0.29
C ASN A 9 10.57 -2.03 0.21
N VAL A 10 9.93 -1.67 -0.90
CA VAL A 10 8.55 -2.02 -1.24
C VAL A 10 7.56 -1.82 -0.08
N GLU B 2 -2.70 -1.98 5.28
CA GLU B 2 -3.56 -1.75 4.07
C GLU B 2 -4.94 -2.36 4.26
N ASN B 3 -5.98 -1.67 3.77
CA ASN B 3 -7.34 -2.20 3.87
C ASN B 3 -7.17 -3.63 3.40
N MET B 4 -7.71 -4.60 4.12
CA MET B 4 -7.47 -5.97 3.70
C MET B 4 -8.26 -6.55 2.56
N LEU B 5 -7.65 -7.58 2.00
CA LEU B 5 -8.14 -8.34 0.87
C LEU B 5 -9.66 -8.50 0.78
N LYS B 6 -10.24 -9.28 1.68
CA LYS B 6 -11.67 -9.57 1.67
C LYS B 6 -12.52 -8.94 2.77
N ARG B 7 -13.83 -8.85 2.51
CA ARG B 7 -14.76 -8.27 3.46
C ARG B 7 -16.00 -9.14 3.57
N ARG B 8 -16.47 -9.31 4.79
CA ARG B 8 -17.67 -10.11 5.02
C ARG B 8 -18.85 -9.18 5.28
N ASN B 9 -19.94 -9.38 4.55
CA ASN B 9 -21.14 -8.57 4.73
C ASN B 9 -21.85 -9.09 5.98
N VAL B 10 -21.89 -8.26 7.02
CA VAL B 10 -22.50 -8.64 8.29
C VAL B 10 -23.78 -7.86 8.58
N GLY C 3 -38.16 -16.83 11.61
CA GLY C 3 -38.52 -17.98 10.72
C GLY C 3 -37.37 -18.40 9.84
N THR C 4 -36.33 -17.57 9.78
CA THR C 4 -35.13 -17.84 8.97
C THR C 4 -33.92 -17.48 9.82
N VAL C 5 -34.09 -17.60 11.14
CA VAL C 5 -33.06 -17.28 12.10
C VAL C 5 -32.55 -18.51 12.86
N ASN C 6 -31.23 -18.72 12.83
CA ASN C 6 -30.63 -19.82 13.58
C ASN C 6 -30.85 -21.23 13.01
N TRP C 7 -31.30 -21.34 11.77
CA TRP C 7 -31.52 -22.66 11.15
C TRP C 7 -30.30 -23.57 11.23
N SER C 8 -30.55 -24.87 11.13
CA SER C 8 -29.46 -25.83 11.17
C SER C 8 -29.06 -26.07 9.71
N VAL C 9 -27.80 -26.43 9.50
CA VAL C 9 -27.34 -26.68 8.15
C VAL C 9 -28.23 -27.67 7.41
N GLU C 10 -28.62 -28.74 8.10
CA GLU C 10 -29.44 -29.76 7.46
C GLU C 10 -30.81 -29.25 7.08
N ASP C 11 -31.36 -28.32 7.87
CA ASP C 11 -32.67 -27.75 7.55
C ASP C 11 -32.53 -26.90 6.29
N ILE C 12 -31.46 -26.11 6.25
CA ILE C 12 -31.19 -25.26 5.10
C ILE C 12 -31.10 -26.13 3.86
N VAL C 13 -30.50 -27.30 4.03
CA VAL C 13 -30.34 -28.25 2.93
C VAL C 13 -31.70 -28.82 2.55
N LYS C 14 -32.44 -29.24 3.57
CA LYS C 14 -33.75 -29.83 3.39
C LYS C 14 -34.63 -28.97 2.49
N GLY C 15 -34.62 -27.66 2.76
CA GLY C 15 -35.44 -26.74 2.00
C GLY C 15 -34.89 -26.35 0.65
N ILE C 16 -33.60 -26.09 0.59
CA ILE C 16 -32.98 -25.71 -0.66
C ILE C 16 -33.17 -26.84 -1.67
N ASN C 17 -33.30 -28.06 -1.16
CA ASN C 17 -33.50 -29.19 -2.04
C ASN C 17 -34.94 -29.45 -2.44
N SER C 18 -35.89 -28.92 -1.67
CA SER C 18 -37.30 -29.11 -2.00
C SER C 18 -37.57 -28.53 -3.38
N ASN C 19 -38.67 -28.94 -3.99
CA ASN C 19 -39.02 -28.41 -5.32
C ASN C 19 -39.84 -27.13 -5.20
N ASN C 20 -39.74 -26.48 -4.04
CA ASN C 20 -40.49 -25.27 -3.78
C ASN C 20 -39.63 -24.03 -3.77
N LEU C 21 -39.74 -23.24 -4.82
CA LEU C 21 -38.98 -22.00 -4.96
C LEU C 21 -39.00 -21.20 -3.68
N GLU C 22 -40.20 -20.91 -3.17
CA GLU C 22 -40.35 -20.15 -1.95
C GLU C 22 -39.62 -20.80 -0.78
N SER C 23 -39.74 -22.13 -0.67
CA SER C 23 -39.07 -22.86 0.40
C SER C 23 -37.56 -22.64 0.29
N GLN C 24 -37.08 -22.68 -0.94
CA GLN C 24 -35.66 -22.49 -1.22
C GLN C 24 -35.26 -21.09 -0.81
N LEU C 25 -36.07 -20.12 -1.18
CA LEU C 25 -35.78 -18.74 -0.83
C LEU C 25 -35.60 -18.63 0.67
N GLN C 26 -36.57 -19.14 1.41
CA GLN C 26 -36.52 -19.10 2.87
C GLN C 26 -35.23 -19.75 3.35
N ALA C 27 -34.93 -20.91 2.79
CA ALA C 27 -33.74 -21.65 3.17
C ALA C 27 -32.46 -20.89 2.80
N THR C 28 -32.45 -20.29 1.62
CA THR C 28 -31.27 -19.56 1.18
C THR C 28 -31.04 -18.36 2.09
N GLN C 29 -32.12 -17.72 2.50
CA GLN C 29 -31.99 -16.58 3.38
C GLN C 29 -31.47 -17.02 4.74
N ALA C 30 -31.93 -18.18 5.21
CA ALA C 30 -31.47 -18.69 6.49
C ALA C 30 -29.96 -18.91 6.41
N ALA C 31 -29.51 -19.40 5.26
CA ALA C 31 -28.09 -19.64 5.03
C ALA C 31 -27.35 -18.31 5.14
N ARG C 32 -27.92 -17.30 4.51
CA ARG C 32 -27.31 -15.99 4.53
C ARG C 32 -27.11 -15.53 5.98
N LYS C 33 -28.14 -15.65 6.79
CA LYS C 33 -28.02 -15.21 8.17
C LYS C 33 -26.94 -15.95 8.94
N LEU C 34 -26.81 -17.26 8.72
CA LEU C 34 -25.75 -18.03 9.39
C LEU C 34 -24.40 -17.45 9.01
N LEU C 35 -24.24 -17.18 7.72
CA LEU C 35 -23.01 -16.64 7.19
C LEU C 35 -22.76 -15.18 7.59
N SER C 36 -23.83 -14.46 7.90
CA SER C 36 -23.71 -13.05 8.30
C SER C 36 -23.70 -12.90 9.80
N ARG C 37 -23.44 -13.99 10.51
CA ARG C 37 -23.44 -13.92 11.95
C ARG C 37 -22.09 -13.49 12.53
N GLU C 38 -22.19 -12.62 13.53
CA GLU C 38 -21.07 -12.05 14.26
C GLU C 38 -19.78 -12.88 14.30
N LYS C 39 -19.86 -14.12 14.79
CA LYS C 39 -18.66 -14.94 14.87
C LYS C 39 -18.77 -16.39 14.47
N GLN C 40 -17.73 -16.85 13.79
CA GLN C 40 -17.61 -18.23 13.34
C GLN C 40 -18.68 -18.69 12.36
N PRO C 41 -18.85 -17.96 11.26
CA PRO C 41 -19.85 -18.34 10.27
C PRO C 41 -19.47 -19.72 9.74
N PRO C 42 -20.39 -20.69 9.84
CA PRO C 42 -20.18 -22.07 9.39
C PRO C 42 -19.89 -22.23 7.89
N ILE C 43 -18.90 -21.50 7.40
CA ILE C 43 -18.55 -21.59 5.99
C ILE C 43 -18.23 -23.01 5.54
N ASP C 44 -17.34 -23.70 6.25
CA ASP C 44 -17.00 -25.05 5.84
C ASP C 44 -18.20 -26.01 5.89
N ASN C 45 -19.09 -25.82 6.86
CA ASN C 45 -20.27 -26.68 6.95
C ASN C 45 -21.19 -26.50 5.74
N ILE C 46 -21.42 -25.24 5.38
CA ILE C 46 -22.26 -24.93 4.24
C ILE C 46 -21.59 -25.47 2.98
N ILE C 47 -20.27 -25.32 2.89
CA ILE C 47 -19.59 -25.81 1.71
C ILE C 47 -19.74 -27.32 1.61
N ARG C 48 -19.45 -28.05 2.69
CA ARG C 48 -19.54 -29.51 2.68
C ARG C 48 -20.92 -29.99 2.25
N ALA C 49 -21.96 -29.31 2.71
CA ALA C 49 -23.32 -29.67 2.37
C ALA C 49 -23.56 -29.56 0.86
N GLY C 50 -22.55 -29.11 0.13
CA GLY C 50 -22.67 -28.97 -1.31
C GLY C 50 -23.65 -27.88 -1.75
N LEU C 51 -23.76 -26.82 -0.97
CA LEU C 51 -24.69 -25.75 -1.28
C LEU C 51 -24.25 -24.71 -2.33
N ILE C 52 -22.95 -24.52 -2.53
CA ILE C 52 -22.47 -23.53 -3.49
C ILE C 52 -23.08 -23.65 -4.89
N PRO C 53 -23.05 -24.86 -5.48
CA PRO C 53 -23.62 -25.04 -6.82
C PRO C 53 -25.07 -24.56 -6.85
N LYS C 54 -25.81 -24.86 -5.78
CA LYS C 54 -27.20 -24.47 -5.68
C LYS C 54 -27.31 -22.95 -5.63
N PHE C 55 -26.49 -22.33 -4.78
CA PHE C 55 -26.51 -20.89 -4.66
C PHE C 55 -26.19 -20.23 -5.98
N VAL C 56 -25.08 -20.67 -6.59
CA VAL C 56 -24.67 -20.13 -7.87
C VAL C 56 -25.81 -20.18 -8.85
N SER C 57 -26.51 -21.31 -8.90
CA SER C 57 -27.64 -21.43 -9.81
C SER C 57 -28.79 -20.49 -9.50
N PHE C 58 -28.91 -20.08 -8.24
CA PHE C 58 -29.99 -19.16 -7.88
C PHE C 58 -29.68 -17.76 -8.42
N LEU C 59 -28.41 -17.43 -8.56
CA LEU C 59 -28.02 -16.13 -9.08
C LEU C 59 -28.72 -15.85 -10.41
N GLY C 60 -28.87 -16.89 -11.23
CA GLY C 60 -29.51 -16.74 -12.52
C GLY C 60 -31.03 -16.77 -12.52
N LYS C 61 -31.66 -16.85 -11.35
CA LYS C 61 -33.12 -16.87 -11.31
C LYS C 61 -33.70 -15.47 -11.36
N THR C 62 -33.56 -14.86 -12.53
CA THR C 62 -34.04 -13.51 -12.80
C THR C 62 -35.41 -13.23 -12.23
N ASP C 63 -36.31 -14.15 -12.53
CA ASP C 63 -37.69 -14.06 -12.09
C ASP C 63 -37.88 -13.93 -10.58
N CYS C 64 -36.89 -14.33 -9.80
CA CYS C 64 -36.98 -14.26 -8.34
C CYS C 64 -35.82 -13.46 -7.78
N SER C 65 -35.77 -12.17 -8.10
CA SER C 65 -34.70 -11.33 -7.62
C SER C 65 -34.37 -11.59 -6.14
N PRO C 66 -35.40 -11.80 -5.31
CA PRO C 66 -35.11 -12.05 -3.90
C PRO C 66 -34.13 -13.18 -3.64
N ILE C 67 -34.33 -14.34 -4.28
CA ILE C 67 -33.39 -15.43 -4.05
C ILE C 67 -32.01 -15.10 -4.64
N GLN C 68 -32.02 -14.30 -5.71
CA GLN C 68 -30.78 -13.88 -6.36
C GLN C 68 -29.94 -13.14 -5.32
N PHE C 69 -30.58 -12.18 -4.67
CA PHE C 69 -29.93 -11.37 -3.65
C PHE C 69 -29.39 -12.23 -2.53
N GLU C 70 -30.28 -13.00 -1.90
CA GLU C 70 -29.87 -13.86 -0.79
C GLU C 70 -28.67 -14.76 -1.15
N SER C 71 -28.77 -15.48 -2.26
CA SER C 71 -27.69 -16.36 -2.67
C SER C 71 -26.43 -15.54 -2.94
N ALA C 72 -26.62 -14.34 -3.47
CA ALA C 72 -25.49 -13.45 -3.75
C ALA C 72 -24.79 -13.17 -2.44
N TRP C 73 -25.54 -12.61 -1.50
CA TRP C 73 -25.01 -12.30 -0.19
C TRP C 73 -24.32 -13.53 0.40
N ALA C 74 -24.96 -14.68 0.32
CA ALA C 74 -24.37 -15.90 0.87
C ALA C 74 -23.03 -16.20 0.20
N LEU C 75 -23.01 -16.31 -1.12
CA LEU C 75 -21.76 -16.58 -1.81
C LEU C 75 -20.72 -15.53 -1.42
N THR C 76 -21.12 -14.27 -1.40
CA THR C 76 -20.23 -13.19 -1.03
C THR C 76 -19.46 -13.48 0.25
N ASN C 77 -20.16 -13.90 1.28
CA ASN C 77 -19.54 -14.20 2.56
C ASN C 77 -18.64 -15.43 2.54
N ILE C 78 -18.97 -16.40 1.68
CA ILE C 78 -18.15 -17.61 1.60
C ILE C 78 -16.83 -17.20 0.95
N ALA C 79 -16.93 -16.40 -0.11
CA ALA C 79 -15.75 -15.94 -0.83
C ALA C 79 -14.92 -15.01 0.05
N SER C 80 -15.53 -14.48 1.12
CA SER C 80 -14.84 -13.57 2.02
C SER C 80 -13.85 -14.31 2.90
N GLY C 81 -13.89 -15.64 2.83
CA GLY C 81 -13.02 -16.44 3.66
C GLY C 81 -11.59 -16.68 3.21
N THR C 82 -11.17 -17.93 3.34
CA THR C 82 -9.82 -18.34 2.97
C THR C 82 -9.71 -18.55 1.48
N SER C 83 -8.50 -18.77 1.00
CA SER C 83 -8.27 -19.01 -0.43
C SER C 83 -9.01 -20.30 -0.75
N GLU C 84 -8.86 -21.26 0.15
CA GLU C 84 -9.49 -22.56 0.04
C GLU C 84 -10.98 -22.38 -0.26
N GLN C 85 -11.63 -21.59 0.59
CA GLN C 85 -13.06 -21.32 0.48
C GLN C 85 -13.43 -20.51 -0.75
N THR C 86 -12.73 -19.40 -0.96
CA THR C 86 -13.00 -18.55 -2.12
C THR C 86 -12.94 -19.42 -3.37
N LYS C 87 -11.96 -20.32 -3.40
CA LYS C 87 -11.80 -21.22 -4.52
C LYS C 87 -13.10 -22.00 -4.76
N ALA C 88 -13.76 -22.40 -3.67
CA ALA C 88 -15.02 -23.15 -3.76
C ALA C 88 -16.06 -22.37 -4.57
N VAL C 89 -16.18 -21.08 -4.28
CA VAL C 89 -17.12 -20.22 -4.96
C VAL C 89 -16.77 -20.14 -6.43
N VAL C 90 -15.49 -19.93 -6.71
CA VAL C 90 -15.04 -19.83 -8.09
C VAL C 90 -15.29 -21.14 -8.82
N ASP C 91 -14.95 -22.25 -8.16
CA ASP C 91 -15.14 -23.57 -8.75
C ASP C 91 -16.59 -23.86 -9.07
N GLY C 92 -17.50 -23.13 -8.42
CA GLY C 92 -18.91 -23.35 -8.66
C GLY C 92 -19.46 -22.60 -9.86
N GLY C 93 -18.64 -21.80 -10.52
CA GLY C 93 -19.11 -21.05 -11.67
C GLY C 93 -19.67 -19.69 -11.27
N ALA C 94 -19.35 -19.26 -10.06
CA ALA C 94 -19.85 -17.99 -9.56
C ALA C 94 -19.44 -16.75 -10.36
N ILE C 95 -18.21 -16.71 -10.85
CA ILE C 95 -17.72 -15.54 -11.58
C ILE C 95 -18.61 -15.08 -12.74
N PRO C 96 -18.79 -15.92 -13.76
CA PRO C 96 -19.63 -15.45 -14.87
C PRO C 96 -21.03 -15.00 -14.39
N ALA C 97 -21.63 -15.79 -13.50
CA ALA C 97 -22.94 -15.47 -12.96
C ALA C 97 -23.00 -14.11 -12.25
N PHE C 98 -21.99 -13.83 -11.41
CA PHE C 98 -21.93 -12.57 -10.69
C PHE C 98 -21.74 -11.40 -11.64
N ILE C 99 -20.96 -11.63 -12.69
CA ILE C 99 -20.73 -10.58 -13.65
C ILE C 99 -22.07 -10.24 -14.31
N SER C 100 -22.87 -11.27 -14.54
CA SER C 100 -24.19 -11.08 -15.14
C SER C 100 -25.08 -10.25 -14.24
N LEU C 101 -24.92 -10.38 -12.93
CA LEU C 101 -25.75 -9.60 -12.02
C LEU C 101 -25.37 -8.12 -11.96
N LEU C 102 -24.20 -7.75 -12.48
CA LEU C 102 -23.84 -6.35 -12.41
C LEU C 102 -24.85 -5.49 -13.17
N ALA C 103 -25.49 -6.07 -14.17
CA ALA C 103 -26.48 -5.37 -14.97
C ALA C 103 -27.89 -5.41 -14.38
N SER C 104 -28.03 -6.04 -13.22
CA SER C 104 -29.34 -6.15 -12.58
C SER C 104 -30.03 -4.81 -12.40
N PRO C 105 -31.36 -4.81 -12.42
CA PRO C 105 -32.18 -3.61 -12.24
C PRO C 105 -32.30 -3.29 -10.76
N HIS C 106 -31.87 -4.23 -9.94
CA HIS C 106 -31.92 -4.07 -8.49
C HIS C 106 -30.54 -3.74 -7.98
N ALA C 107 -30.31 -2.46 -7.72
CA ALA C 107 -29.01 -1.99 -7.25
C ALA C 107 -28.45 -2.80 -6.10
N HIS C 108 -29.28 -3.17 -5.13
CA HIS C 108 -28.76 -3.92 -4.00
C HIS C 108 -28.24 -5.29 -4.45
N ILE C 109 -28.73 -5.78 -5.58
CA ILE C 109 -28.28 -7.07 -6.10
C ILE C 109 -26.96 -6.90 -6.84
N SER C 110 -26.87 -5.92 -7.74
CA SER C 110 -25.62 -5.73 -8.47
C SER C 110 -24.57 -5.22 -7.47
N GLU C 111 -25.03 -4.62 -6.37
CA GLU C 111 -24.08 -4.16 -5.36
C GLU C 111 -23.45 -5.44 -4.79
N GLN C 112 -24.29 -6.41 -4.45
CA GLN C 112 -23.78 -7.66 -3.92
C GLN C 112 -22.84 -8.28 -4.92
N ALA C 113 -23.22 -8.29 -6.19
CA ALA C 113 -22.35 -8.86 -7.20
C ALA C 113 -21.00 -8.14 -7.13
N VAL C 114 -21.03 -6.81 -7.04
CA VAL C 114 -19.80 -6.03 -6.94
C VAL C 114 -18.98 -6.54 -5.77
N TRP C 115 -19.61 -6.59 -4.61
CA TRP C 115 -18.96 -7.04 -3.39
C TRP C 115 -18.35 -8.44 -3.58
N ALA C 116 -19.13 -9.33 -4.18
CA ALA C 116 -18.70 -10.69 -4.43
C ALA C 116 -17.45 -10.74 -5.29
N LEU C 117 -17.51 -10.09 -6.45
CA LEU C 117 -16.37 -10.04 -7.35
C LEU C 117 -15.18 -9.40 -6.60
N GLY C 118 -15.50 -8.44 -5.72
CA GLY C 118 -14.47 -7.80 -4.93
C GLY C 118 -13.70 -8.84 -4.14
N ASN C 119 -14.41 -9.69 -3.40
CA ASN C 119 -13.78 -10.74 -2.61
C ASN C 119 -13.03 -11.76 -3.46
N ILE C 120 -13.49 -12.01 -4.68
CA ILE C 120 -12.81 -13.00 -5.51
C ILE C 120 -11.48 -12.48 -6.05
N ALA C 121 -11.48 -11.31 -6.65
CA ALA C 121 -10.24 -10.75 -7.17
C ALA C 121 -9.32 -10.52 -5.97
N GLY C 122 -9.91 -10.30 -4.81
CA GLY C 122 -9.12 -10.08 -3.62
C GLY C 122 -8.18 -11.23 -3.31
N ASP C 123 -8.66 -12.46 -3.46
CA ASP C 123 -7.83 -13.61 -3.15
C ASP C 123 -6.41 -13.52 -3.73
N GLY C 124 -6.27 -12.97 -4.93
CA GLY C 124 -4.95 -12.86 -5.52
C GLY C 124 -4.88 -12.77 -7.05
N SER C 125 -3.63 -12.69 -7.53
CA SER C 125 -3.31 -12.58 -8.95
C SER C 125 -4.16 -13.45 -9.86
N ALA C 126 -4.12 -14.75 -9.58
CA ALA C 126 -4.84 -15.72 -10.37
C ALA C 126 -6.34 -15.39 -10.55
N PHE C 127 -7.09 -15.36 -9.46
CA PHE C 127 -8.52 -15.06 -9.55
C PHE C 127 -8.77 -13.64 -10.06
N ARG C 128 -7.91 -12.71 -9.65
CA ARG C 128 -8.00 -11.33 -10.06
C ARG C 128 -8.08 -11.28 -11.57
N ASP C 129 -7.13 -11.98 -12.20
CA ASP C 129 -7.07 -12.04 -13.66
C ASP C 129 -8.17 -12.86 -14.29
N LEU C 130 -8.69 -13.86 -13.56
CA LEU C 130 -9.78 -14.66 -14.10
C LEU C 130 -11.04 -13.78 -14.16
N VAL C 131 -11.22 -12.95 -13.14
CA VAL C 131 -12.35 -12.02 -13.09
C VAL C 131 -12.29 -11.09 -14.30
N ILE C 132 -11.09 -10.59 -14.59
CA ILE C 132 -10.90 -9.69 -15.70
C ILE C 132 -11.19 -10.42 -17.01
N LYS C 133 -10.73 -11.67 -17.11
CA LYS C 133 -10.94 -12.47 -18.32
C LYS C 133 -12.41 -12.74 -18.59
N HIS C 134 -13.23 -12.80 -17.54
CA HIS C 134 -14.65 -13.04 -17.73
C HIS C 134 -15.34 -11.72 -18.09
N GLY C 135 -14.54 -10.65 -18.20
CA GLY C 135 -15.07 -9.36 -18.58
C GLY C 135 -15.76 -8.53 -17.52
N ALA C 136 -15.27 -8.57 -16.29
CA ALA C 136 -15.91 -7.80 -15.25
C ALA C 136 -15.70 -6.30 -15.40
N ILE C 137 -14.48 -5.89 -15.74
CA ILE C 137 -14.17 -4.47 -15.84
C ILE C 137 -15.19 -3.58 -16.53
N ASP C 138 -15.65 -3.94 -17.73
CA ASP C 138 -16.63 -3.06 -18.40
C ASP C 138 -17.92 -2.87 -17.59
N PRO C 139 -18.61 -3.97 -17.26
CA PRO C 139 -19.86 -3.89 -16.49
C PRO C 139 -19.69 -3.05 -15.24
N LEU C 140 -18.54 -3.18 -14.59
CA LEU C 140 -18.26 -2.41 -13.40
C LEU C 140 -18.18 -0.94 -13.76
N LEU C 141 -17.21 -0.59 -14.58
CA LEU C 141 -17.04 0.81 -14.99
C LEU C 141 -18.34 1.42 -15.47
N ALA C 142 -19.14 0.63 -16.20
CA ALA C 142 -20.42 1.11 -16.69
C ALA C 142 -21.28 1.60 -15.53
N LEU C 143 -21.11 0.99 -14.36
CA LEU C 143 -21.87 1.36 -13.16
C LEU C 143 -21.50 2.75 -12.64
N LEU C 144 -20.39 3.31 -13.10
CA LEU C 144 -19.97 4.62 -12.65
C LEU C 144 -20.06 5.68 -13.75
N ALA C 145 -20.57 5.28 -14.91
CA ALA C 145 -20.71 6.20 -16.02
C ALA C 145 -21.86 7.18 -15.76
N VAL C 146 -21.66 8.05 -14.79
CA VAL C 146 -22.66 9.03 -14.44
C VAL C 146 -22.02 10.42 -14.38
N PRO C 147 -22.79 11.46 -14.71
CA PRO C 147 -22.27 12.83 -14.68
C PRO C 147 -21.68 13.20 -13.33
N ASP C 148 -22.36 12.82 -12.26
CA ASP C 148 -21.91 13.14 -10.92
C ASP C 148 -21.94 11.96 -9.95
N LEU C 149 -20.75 11.55 -9.51
CA LEU C 149 -20.61 10.43 -8.58
C LEU C 149 -21.50 10.57 -7.34
N SER C 150 -21.76 11.80 -6.92
CA SER C 150 -22.57 12.04 -5.74
C SER C 150 -24.04 11.63 -5.84
N THR C 151 -24.52 11.35 -7.05
CA THR C 151 -25.91 10.95 -7.20
C THR C 151 -26.04 9.48 -6.82
N LEU C 152 -24.91 8.77 -6.76
CA LEU C 152 -24.91 7.36 -6.42
C LEU C 152 -25.00 7.18 -4.92
N ALA C 153 -25.57 6.06 -4.51
CA ALA C 153 -25.71 5.72 -3.10
C ALA C 153 -24.32 5.59 -2.51
N CYS C 154 -24.05 6.39 -1.48
CA CYS C 154 -22.75 6.37 -0.84
C CYS C 154 -22.13 4.98 -0.65
N GLY C 155 -22.81 4.11 0.07
CA GLY C 155 -22.27 2.78 0.29
C GLY C 155 -22.01 1.99 -0.98
N TYR C 156 -22.87 2.19 -1.98
CA TYR C 156 -22.73 1.51 -3.26
C TYR C 156 -21.45 1.96 -3.95
N LEU C 157 -21.21 3.27 -3.94
CA LEU C 157 -20.01 3.82 -4.57
C LEU C 157 -18.75 3.29 -3.89
N ARG C 158 -18.81 3.17 -2.56
CA ARG C 158 -17.66 2.66 -1.83
C ARG C 158 -17.35 1.23 -2.22
N ASN C 159 -18.39 0.42 -2.38
CA ASN C 159 -18.19 -0.97 -2.76
C ASN C 159 -17.46 -1.11 -4.09
N LEU C 160 -17.90 -0.32 -5.06
CA LEU C 160 -17.28 -0.34 -6.39
C LEU C 160 -15.83 0.07 -6.29
N THR C 161 -15.58 1.18 -5.59
CA THR C 161 -14.22 1.68 -5.43
C THR C 161 -13.36 0.56 -4.86
N TRP C 162 -13.78 0.02 -3.73
CA TRP C 162 -13.05 -1.07 -3.09
C TRP C 162 -12.79 -2.21 -4.07
N THR C 163 -13.82 -2.66 -4.77
CA THR C 163 -13.61 -3.74 -5.73
C THR C 163 -12.61 -3.30 -6.80
N LEU C 164 -12.76 -2.11 -7.35
CA LEU C 164 -11.81 -1.66 -8.36
C LEU C 164 -10.40 -1.70 -7.82
N SER C 165 -10.23 -1.21 -6.59
CA SER C 165 -8.89 -1.21 -6.01
C SER C 165 -8.33 -2.64 -6.02
N ASN C 166 -9.14 -3.64 -5.70
CA ASN C 166 -8.67 -5.02 -5.70
C ASN C 166 -8.23 -5.52 -7.07
N LEU C 167 -8.79 -4.95 -8.13
CA LEU C 167 -8.40 -5.37 -9.47
C LEU C 167 -7.06 -4.75 -9.83
N CYS C 168 -6.56 -3.87 -8.96
CA CYS C 168 -5.26 -3.22 -9.18
C CYS C 168 -4.22 -3.83 -8.25
N ARG C 169 -4.70 -4.62 -7.30
CA ARG C 169 -3.87 -5.23 -6.28
C ARG C 169 -3.11 -6.47 -6.73
N ASN C 170 -2.10 -6.85 -5.94
CA ASN C 170 -1.26 -8.02 -6.20
C ASN C 170 -0.22 -7.79 -7.27
N LYS C 171 0.92 -8.47 -7.11
CA LYS C 171 2.03 -8.28 -8.05
C LYS C 171 2.63 -9.45 -8.84
N ASN C 172 2.38 -10.69 -8.48
CA ASN C 172 3.01 -11.73 -9.28
C ASN C 172 2.05 -12.59 -10.08
N PRO C 173 1.65 -12.10 -11.26
CA PRO C 173 2.03 -10.81 -11.85
C PRO C 173 1.16 -9.62 -11.46
N ALA C 174 1.50 -8.47 -12.00
CA ALA C 174 0.76 -7.24 -11.76
C ALA C 174 -0.43 -7.29 -12.70
N PRO C 175 -1.46 -6.48 -12.44
CA PRO C 175 -2.64 -6.50 -13.31
C PRO C 175 -2.23 -6.32 -14.75
N PRO C 176 -3.04 -6.82 -15.70
CA PRO C 176 -2.70 -6.67 -17.12
C PRO C 176 -2.68 -5.19 -17.51
N LEU C 177 -1.63 -4.76 -18.18
CA LEU C 177 -1.49 -3.38 -18.60
C LEU C 177 -2.75 -2.73 -19.15
N ASP C 178 -3.38 -3.37 -20.13
CA ASP C 178 -4.59 -2.83 -20.74
C ASP C 178 -5.73 -2.75 -19.75
N ALA C 179 -5.66 -3.59 -18.72
CA ALA C 179 -6.69 -3.60 -17.69
C ALA C 179 -6.47 -2.35 -16.86
N VAL C 180 -5.21 -2.06 -16.57
CA VAL C 180 -4.86 -0.88 -15.79
C VAL C 180 -5.19 0.37 -16.59
N GLU C 181 -4.84 0.37 -17.87
CA GLU C 181 -5.13 1.53 -18.70
C GLU C 181 -6.61 1.83 -18.71
N GLN C 182 -7.40 0.77 -18.82
CA GLN C 182 -8.86 0.87 -18.88
C GLN C 182 -9.47 1.45 -17.61
N ILE C 183 -8.98 0.97 -16.47
CA ILE C 183 -9.46 1.39 -15.17
C ILE C 183 -9.04 2.80 -14.74
N LEU C 184 -7.75 3.09 -14.88
CA LEU C 184 -7.19 4.39 -14.47
C LEU C 184 -8.06 5.65 -14.58
N PRO C 185 -8.74 5.84 -15.72
CA PRO C 185 -9.59 7.03 -15.88
C PRO C 185 -10.62 7.17 -14.78
N THR C 186 -11.36 6.10 -14.53
CA THR C 186 -12.38 6.11 -13.49
C THR C 186 -11.68 6.34 -12.16
N LEU C 187 -10.54 5.69 -12.00
CA LEU C 187 -9.79 5.82 -10.78
C LEU C 187 -9.45 7.29 -10.52
N VAL C 188 -8.91 7.97 -11.52
CA VAL C 188 -8.57 9.37 -11.34
C VAL C 188 -9.80 10.15 -10.89
N ARG C 189 -10.92 9.89 -11.55
CA ARG C 189 -12.15 10.60 -11.20
C ARG C 189 -12.58 10.29 -9.77
N LEU C 190 -12.47 9.04 -9.36
CA LEU C 190 -12.87 8.69 -8.00
C LEU C 190 -11.94 9.36 -6.99
N LEU C 191 -10.70 9.60 -7.40
CA LEU C 191 -9.70 10.21 -6.54
C LEU C 191 -10.01 11.68 -6.26
N HIS C 192 -11.06 12.19 -6.89
CA HIS C 192 -11.47 13.58 -6.70
C HIS C 192 -12.86 13.65 -6.05
N HIS C 193 -13.32 12.54 -5.49
CA HIS C 193 -14.63 12.49 -4.84
C HIS C 193 -14.54 12.98 -3.39
N ASN C 194 -15.66 13.35 -2.80
CA ASN C 194 -15.67 13.90 -1.44
C ASN C 194 -15.79 12.91 -0.29
N ASP C 195 -16.02 11.64 -0.58
CA ASP C 195 -16.15 10.66 0.51
C ASP C 195 -14.79 10.14 0.97
N PRO C 196 -14.47 10.36 2.26
CA PRO C 196 -13.18 9.88 2.76
C PRO C 196 -12.92 8.40 2.45
N GLU C 197 -13.96 7.59 2.55
CA GLU C 197 -13.86 6.15 2.26
C GLU C 197 -13.38 5.95 0.83
N VAL C 198 -14.13 6.51 -0.10
CA VAL C 198 -13.79 6.41 -1.52
C VAL C 198 -12.38 6.91 -1.71
N LEU C 199 -12.06 8.02 -1.04
CA LEU C 199 -10.74 8.60 -1.16
C LEU C 199 -9.63 7.66 -0.72
N ALA C 200 -9.80 7.03 0.44
CA ALA C 200 -8.83 6.09 0.97
C ALA C 200 -8.57 4.92 0.01
N ASP C 201 -9.64 4.26 -0.43
CA ASP C 201 -9.50 3.13 -1.33
C ASP C 201 -9.00 3.55 -2.70
N SER C 202 -9.29 4.79 -3.09
CA SER C 202 -8.81 5.27 -4.37
C SER C 202 -7.31 5.39 -4.28
N CYS C 203 -6.82 5.90 -3.15
CA CYS C 203 -5.38 6.02 -2.95
C CYS C 203 -4.74 4.65 -2.95
N TRP C 204 -5.34 3.69 -2.25
CA TRP C 204 -4.82 2.33 -2.19
C TRP C 204 -4.67 1.76 -3.58
N ALA C 205 -5.71 1.95 -4.39
CA ALA C 205 -5.66 1.48 -5.76
C ALA C 205 -4.41 2.07 -6.41
N ILE C 206 -4.25 3.40 -6.32
CA ILE C 206 -3.09 4.05 -6.92
C ILE C 206 -1.80 3.53 -6.32
N SER C 207 -1.74 3.41 -5.00
CA SER C 207 -0.53 2.93 -4.35
C SER C 207 -0.14 1.55 -4.90
N TYR C 208 -1.15 0.74 -5.23
CA TYR C 208 -0.90 -0.59 -5.79
C TYR C 208 -0.31 -0.45 -7.20
N LEU C 209 -0.96 0.34 -8.04
CA LEU C 209 -0.49 0.50 -9.40
C LEU C 209 0.91 1.11 -9.46
N THR C 210 1.26 1.94 -8.48
CA THR C 210 2.59 2.57 -8.49
C THR C 210 3.66 1.70 -7.85
N ASP C 211 3.26 0.55 -7.32
CA ASP C 211 4.21 -0.36 -6.71
C ASP C 211 4.67 -1.39 -7.75
N GLY C 212 5.66 -0.99 -8.54
CA GLY C 212 6.19 -1.87 -9.57
C GLY C 212 7.24 -1.17 -10.40
N PRO C 213 7.47 -1.62 -11.65
CA PRO C 213 8.44 -1.03 -12.58
C PRO C 213 8.07 0.41 -12.95
N ASN C 214 9.06 1.15 -13.45
CA ASN C 214 8.84 2.55 -13.81
C ASN C 214 7.77 2.74 -14.86
N GLU C 215 7.60 1.75 -15.75
CA GLU C 215 6.60 1.86 -16.80
C GLU C 215 5.22 1.92 -16.18
N ARG C 216 5.09 1.20 -15.08
CA ARG C 216 3.83 1.18 -14.33
C ARG C 216 3.60 2.54 -13.69
N ILE C 217 4.58 2.99 -12.91
CA ILE C 217 4.50 4.29 -12.26
C ILE C 217 4.11 5.35 -13.29
N GLU C 218 4.75 5.29 -14.45
CA GLU C 218 4.53 6.24 -15.51
C GLU C 218 3.09 6.37 -15.99
N MET C 219 2.43 5.23 -16.23
CA MET C 219 1.05 5.29 -16.71
C MET C 219 0.14 5.92 -15.67
N VAL C 220 0.59 5.92 -14.42
CA VAL C 220 -0.16 6.55 -13.34
C VAL C 220 0.19 8.03 -13.36
N VAL C 221 1.47 8.34 -13.19
CA VAL C 221 1.91 9.73 -13.20
C VAL C 221 1.43 10.47 -14.45
N LYS C 222 1.37 9.73 -15.56
CA LYS C 222 0.96 10.28 -16.85
C LYS C 222 -0.46 10.85 -16.81
N LYS C 223 -1.26 10.42 -15.84
CA LYS C 223 -2.63 10.89 -15.70
C LYS C 223 -2.72 12.16 -14.86
N GLY C 224 -1.56 12.64 -14.42
CA GLY C 224 -1.49 13.85 -13.63
C GLY C 224 -2.18 13.84 -12.28
N VAL C 225 -2.12 12.72 -11.59
CA VAL C 225 -2.77 12.60 -10.29
C VAL C 225 -1.87 12.97 -9.12
N VAL C 226 -0.58 13.13 -9.38
CA VAL C 226 0.38 13.47 -8.33
C VAL C 226 -0.08 14.66 -7.49
N PRO C 227 -0.51 15.74 -8.15
CA PRO C 227 -0.98 16.91 -7.41
C PRO C 227 -2.05 16.49 -6.42
N GLN C 228 -3.09 15.81 -6.92
CA GLN C 228 -4.19 15.36 -6.06
C GLN C 228 -3.70 14.49 -4.91
N LEU C 229 -2.67 13.69 -5.18
CA LEU C 229 -2.11 12.82 -4.15
C LEU C 229 -1.40 13.65 -3.09
N VAL C 230 -0.63 14.63 -3.53
CA VAL C 230 0.07 15.49 -2.59
C VAL C 230 -0.97 16.16 -1.71
N LYS C 231 -2.08 16.54 -2.32
CA LYS C 231 -3.17 17.17 -1.60
C LYS C 231 -3.75 16.22 -0.55
N LEU C 232 -4.07 15.01 -0.99
CA LEU C 232 -4.60 14.03 -0.07
C LEU C 232 -3.53 13.70 0.95
N LEU C 233 -2.28 13.94 0.57
CA LEU C 233 -1.18 13.66 1.48
C LEU C 233 -1.32 14.56 2.69
N GLY C 234 -1.95 15.71 2.48
CA GLY C 234 -2.16 16.65 3.55
C GLY C 234 -3.46 16.41 4.28
N ALA C 235 -4.24 15.43 3.84
CA ALA C 235 -5.53 15.14 4.48
C ALA C 235 -5.41 15.01 6.00
N THR C 236 -6.52 15.23 6.71
CA THR C 236 -6.48 15.13 8.15
C THR C 236 -6.83 13.73 8.63
N GLU C 237 -7.48 12.93 7.77
CA GLU C 237 -7.85 11.56 8.14
C GLU C 237 -6.74 10.57 7.83
N LEU C 238 -6.18 9.97 8.88
CA LEU C 238 -5.10 9.00 8.76
C LEU C 238 -5.38 7.89 7.73
N PRO C 239 -6.63 7.42 7.63
CA PRO C 239 -7.00 6.36 6.68
C PRO C 239 -6.76 6.76 5.23
N ILE C 240 -6.67 8.06 4.98
CA ILE C 240 -6.41 8.57 3.66
C ILE C 240 -4.93 8.87 3.55
N VAL C 241 -4.40 9.55 4.56
CA VAL C 241 -2.98 9.88 4.54
C VAL C 241 -2.09 8.65 4.33
N THR C 242 -2.35 7.57 5.04
CA THR C 242 -1.52 6.39 4.89
C THR C 242 -1.32 5.90 3.45
N PRO C 243 -2.43 5.60 2.74
CA PRO C 243 -2.25 5.14 1.35
C PRO C 243 -1.68 6.21 0.41
N ALA C 244 -2.07 7.47 0.64
CA ALA C 244 -1.56 8.57 -0.18
C ALA C 244 -0.04 8.62 -0.05
N LEU C 245 0.45 8.53 1.17
CA LEU C 245 1.89 8.56 1.41
C LEU C 245 2.55 7.33 0.79
N ARG C 246 1.79 6.27 0.62
CA ARG C 246 2.31 5.05 0.04
C ARG C 246 2.50 5.26 -1.46
N ALA C 247 1.52 5.87 -2.10
CA ALA C 247 1.61 6.15 -3.52
C ALA C 247 2.79 7.09 -3.75
N ILE C 248 2.82 8.23 -3.06
CA ILE C 248 3.93 9.16 -3.23
C ILE C 248 5.27 8.46 -3.00
N GLY C 249 5.35 7.68 -1.92
CA GLY C 249 6.58 6.97 -1.61
C GLY C 249 7.01 6.04 -2.71
N ASN C 250 6.04 5.38 -3.37
CA ASN C 250 6.33 4.46 -4.47
C ASN C 250 6.76 5.24 -5.72
N ILE C 251 6.01 6.30 -6.04
CA ILE C 251 6.32 7.09 -7.20
C ILE C 251 7.76 7.60 -7.16
N VAL C 252 8.29 7.87 -5.97
CA VAL C 252 9.66 8.38 -5.89
C VAL C 252 10.72 7.30 -5.92
N THR C 253 10.34 6.10 -6.35
CA THR C 253 11.31 5.02 -6.49
C THR C 253 11.59 4.90 -7.99
N GLY C 254 10.87 5.73 -8.76
CA GLY C 254 11.03 5.72 -10.21
C GLY C 254 12.10 6.67 -10.72
N THR C 255 11.97 7.07 -11.97
CA THR C 255 12.94 7.97 -12.57
C THR C 255 12.91 9.30 -11.86
N ASP C 256 14.01 10.05 -11.97
CA ASP C 256 14.10 11.36 -11.34
C ASP C 256 13.07 12.31 -11.86
N GLU C 257 12.63 12.09 -13.10
CA GLU C 257 11.62 12.94 -13.72
C GLU C 257 10.30 12.71 -12.99
N GLN C 258 10.05 11.45 -12.63
CA GLN C 258 8.83 11.09 -11.93
C GLN C 258 8.90 11.66 -10.53
N THR C 259 10.06 11.57 -9.90
CA THR C 259 10.26 12.12 -8.56
C THR C 259 10.02 13.62 -8.59
N GLN C 260 10.60 14.27 -9.60
CA GLN C 260 10.45 15.69 -9.76
C GLN C 260 8.98 16.11 -9.68
N LYS C 261 8.12 15.31 -10.29
CA LYS C 261 6.69 15.58 -10.31
C LYS C 261 6.11 15.79 -8.91
N VAL C 262 6.48 14.94 -7.95
CA VAL C 262 5.94 15.10 -6.60
C VAL C 262 6.53 16.34 -5.95
N ILE C 263 7.80 16.60 -6.22
CA ILE C 263 8.41 17.79 -5.65
C ILE C 263 7.68 19.01 -6.21
N ASP C 264 7.55 19.06 -7.53
CA ASP C 264 6.87 20.17 -8.17
C ASP C 264 5.46 20.29 -7.61
N ALA C 265 4.94 19.17 -7.12
CA ALA C 265 3.60 19.16 -6.58
C ALA C 265 3.52 19.78 -5.20
N GLY C 266 4.67 19.89 -4.53
CA GLY C 266 4.67 20.48 -3.21
C GLY C 266 4.76 19.44 -2.10
N ALA C 267 4.95 18.19 -2.49
CA ALA C 267 5.05 17.12 -1.52
C ALA C 267 5.89 17.50 -0.31
N LEU C 268 7.12 17.93 -0.56
CA LEU C 268 8.04 18.27 0.52
C LEU C 268 7.45 19.14 1.64
N ALA C 269 6.68 20.16 1.30
CA ALA C 269 6.10 21.04 2.31
C ALA C 269 5.32 20.32 3.42
N VAL C 270 4.89 19.10 3.15
CA VAL C 270 4.12 18.35 4.13
C VAL C 270 4.99 17.50 5.05
N PHE C 271 6.23 17.24 4.65
CA PHE C 271 7.11 16.39 5.43
C PHE C 271 7.50 16.77 6.84
N PRO C 272 7.53 18.07 7.18
CA PRO C 272 7.89 18.43 8.56
C PRO C 272 6.86 17.75 9.44
N SER C 273 5.61 17.83 9.00
CA SER C 273 4.49 17.23 9.70
C SER C 273 4.62 15.71 9.71
N LEU C 274 4.75 15.13 8.53
CA LEU C 274 4.88 13.67 8.35
C LEU C 274 6.08 13.09 9.12
N LEU C 275 7.19 13.82 9.13
CA LEU C 275 8.38 13.33 9.81
C LEU C 275 8.31 13.47 11.32
N THR C 276 7.21 14.01 11.83
CA THR C 276 7.03 14.13 13.28
C THR C 276 5.64 13.62 13.63
N ASN C 277 5.02 12.99 12.65
CA ASN C 277 3.68 12.43 12.81
C ASN C 277 3.66 11.44 13.97
N PRO C 278 2.59 11.46 14.76
CA PRO C 278 2.42 10.58 15.91
C PRO C 278 2.30 9.11 15.54
N LYS C 279 1.64 8.81 14.43
CA LYS C 279 1.48 7.42 14.02
C LYS C 279 2.79 6.90 13.45
N THR C 280 3.51 6.21 14.31
CA THR C 280 4.82 5.63 13.99
C THR C 280 5.00 5.20 12.54
N ASN C 281 4.10 4.37 12.03
CA ASN C 281 4.19 3.89 10.66
C ASN C 281 4.25 5.00 9.59
N ILE C 282 3.47 6.06 9.76
CA ILE C 282 3.47 7.19 8.81
C ILE C 282 4.87 7.79 8.78
N GLN C 283 5.50 7.81 9.95
CA GLN C 283 6.84 8.34 10.15
C GLN C 283 7.89 7.49 9.41
N LYS C 284 7.68 6.18 9.39
CA LYS C 284 8.60 5.28 8.72
C LYS C 284 8.48 5.48 7.21
N GLU C 285 7.25 5.47 6.71
CA GLU C 285 6.98 5.66 5.28
C GLU C 285 7.56 6.99 4.81
N ALA C 286 7.36 8.02 5.62
CA ALA C 286 7.85 9.36 5.31
C ALA C 286 9.37 9.39 5.18
N THR C 287 10.06 8.75 6.13
CA THR C 287 11.51 8.75 6.12
C THR C 287 12.01 7.93 4.94
N TRP C 288 11.35 6.80 4.70
CA TRP C 288 11.68 5.94 3.56
C TRP C 288 11.58 6.78 2.28
N THR C 289 10.47 7.50 2.14
CA THR C 289 10.26 8.33 0.97
C THR C 289 11.40 9.36 0.87
N MET C 290 11.76 9.97 2.00
CA MET C 290 12.84 10.95 2.00
C MET C 290 14.15 10.36 1.51
N SER C 291 14.40 9.09 1.83
CA SER C 291 15.63 8.43 1.41
C SER C 291 15.62 8.25 -0.09
N ASN C 292 14.44 8.14 -0.70
CA ASN C 292 14.38 7.98 -2.14
C ASN C 292 14.43 9.30 -2.87
N ILE C 293 14.46 10.38 -2.10
CA ILE C 293 14.54 11.70 -2.68
C ILE C 293 15.97 12.15 -2.52
N THR C 294 16.56 11.86 -1.37
CA THR C 294 17.95 12.20 -1.13
C THR C 294 18.82 11.34 -2.05
N ALA C 295 18.25 10.29 -2.59
CA ALA C 295 19.00 9.40 -3.47
C ALA C 295 18.83 9.84 -4.93
N GLY C 296 18.52 11.11 -5.15
CA GLY C 296 18.33 11.57 -6.51
C GLY C 296 19.28 12.67 -6.97
N ARG C 297 18.77 13.51 -7.87
CA ARG C 297 19.55 14.62 -8.40
C ARG C 297 19.91 15.60 -7.29
N GLN C 298 21.05 16.27 -7.45
CA GLN C 298 21.48 17.21 -6.44
C GLN C 298 20.51 18.37 -6.31
N ASP C 299 20.05 18.90 -7.44
CA ASP C 299 19.09 20.01 -7.39
C ASP C 299 17.87 19.53 -6.60
N GLN C 300 17.68 18.22 -6.55
CA GLN C 300 16.57 17.64 -5.82
C GLN C 300 17.00 17.59 -4.36
N ILE C 301 18.22 17.12 -4.09
CA ILE C 301 18.70 17.09 -2.72
C ILE C 301 18.51 18.51 -2.20
N GLN C 302 18.97 19.48 -2.97
CA GLN C 302 18.86 20.88 -2.60
C GLN C 302 17.43 21.27 -2.22
N GLN C 303 16.46 20.70 -2.94
CA GLN C 303 15.05 20.97 -2.67
C GLN C 303 14.74 20.55 -1.24
N VAL C 304 15.29 19.41 -0.86
CA VAL C 304 15.11 18.90 0.48
C VAL C 304 15.67 19.96 1.42
N VAL C 305 16.91 20.36 1.16
CA VAL C 305 17.57 21.37 1.96
C VAL C 305 16.77 22.68 2.09
N ASN C 306 16.26 23.20 0.98
CA ASN C 306 15.50 24.45 1.03
C ASN C 306 14.25 24.34 1.89
N HIS C 307 13.60 23.19 1.89
CA HIS C 307 12.39 23.01 2.69
C HIS C 307 12.71 22.78 4.16
N GLY C 308 13.99 22.88 4.51
CA GLY C 308 14.41 22.69 5.88
C GLY C 308 14.17 21.30 6.41
N LEU C 309 14.18 20.30 5.53
CA LEU C 309 13.93 18.92 5.94
C LEU C 309 15.13 18.23 6.57
N VAL C 310 16.33 18.74 6.31
CA VAL C 310 17.52 18.14 6.91
C VAL C 310 17.36 18.08 8.43
N PRO C 311 17.01 19.23 9.07
CA PRO C 311 16.83 19.30 10.51
C PRO C 311 15.92 18.18 11.02
N PHE C 312 14.86 17.90 10.25
CA PHE C 312 13.92 16.85 10.61
C PHE C 312 14.57 15.49 10.47
N LEU C 313 15.40 15.33 9.44
CA LEU C 313 16.11 14.06 9.28
C LEU C 313 17.03 13.87 10.47
N VAL C 314 17.67 14.94 10.92
CA VAL C 314 18.55 14.85 12.07
C VAL C 314 17.67 14.36 13.21
N GLY C 315 16.56 15.07 13.43
CA GLY C 315 15.62 14.68 14.47
C GLY C 315 15.23 13.21 14.40
N VAL C 316 14.74 12.78 13.24
CA VAL C 316 14.35 11.38 13.07
C VAL C 316 15.51 10.45 13.42
N LEU C 317 16.70 10.79 12.93
CA LEU C 317 17.88 9.97 13.19
C LEU C 317 18.18 9.92 14.68
N SER C 318 17.94 11.04 15.36
CA SER C 318 18.19 11.17 16.79
C SER C 318 17.23 10.37 17.69
N LYS C 319 15.95 10.45 17.40
CA LYS C 319 14.96 9.75 18.21
C LYS C 319 13.73 9.36 17.43
N ALA C 320 13.48 8.06 17.39
CA ALA C 320 12.33 7.53 16.67
C ALA C 320 12.41 6.02 16.75
N ASP C 321 11.37 5.36 16.24
CA ASP C 321 11.36 3.91 16.23
C ASP C 321 12.61 3.50 15.46
N PHE C 322 13.24 2.39 15.85
CA PHE C 322 14.46 1.95 15.16
C PHE C 322 14.26 1.83 13.66
N LYS C 323 13.13 1.27 13.25
CA LYS C 323 12.84 1.12 11.83
C LYS C 323 12.87 2.46 11.12
N THR C 324 12.29 3.48 11.75
CA THR C 324 12.28 4.82 11.14
C THR C 324 13.71 5.32 11.08
N GLN C 325 14.49 5.01 12.10
CA GLN C 325 15.89 5.43 12.15
C GLN C 325 16.66 4.77 11.03
N LYS C 326 16.32 3.52 10.74
CA LYS C 326 17.01 2.81 9.68
C LYS C 326 16.74 3.50 8.36
N GLU C 327 15.51 3.98 8.17
CA GLU C 327 15.14 4.68 6.95
C GLU C 327 15.87 6.02 6.91
N ALA C 328 16.14 6.56 8.08
CA ALA C 328 16.85 7.81 8.21
C ALA C 328 18.31 7.59 7.81
N ALA C 329 18.90 6.54 8.37
CA ALA C 329 20.28 6.20 8.04
C ALA C 329 20.44 6.24 6.53
N TRP C 330 19.55 5.55 5.82
CA TRP C 330 19.61 5.53 4.36
C TRP C 330 19.45 6.92 3.78
N ALA C 331 18.39 7.62 4.16
CA ALA C 331 18.17 8.97 3.66
C ALA C 331 19.49 9.72 3.72
N ILE C 332 20.14 9.66 4.87
CA ILE C 332 21.42 10.34 5.07
C ILE C 332 22.52 9.80 4.16
N THR C 333 22.74 8.50 4.22
CA THR C 333 23.78 7.91 3.40
C THR C 333 23.58 8.24 1.91
N ASN C 334 22.33 8.19 1.43
CA ASN C 334 22.04 8.51 0.03
C ASN C 334 22.38 9.99 -0.27
N TYR C 335 22.06 10.85 0.68
CA TYR C 335 22.32 12.27 0.58
C TYR C 335 23.82 12.46 0.41
N THR C 336 24.60 11.92 1.36
CA THR C 336 26.05 12.01 1.33
C THR C 336 26.64 11.26 0.14
N SER C 337 25.88 10.35 -0.42
CA SER C 337 26.34 9.57 -1.55
C SER C 337 26.28 10.32 -2.87
N GLY C 338 25.33 11.25 -3.00
CA GLY C 338 25.23 11.97 -4.25
C GLY C 338 25.16 13.48 -4.12
N GLY C 339 25.26 13.98 -2.89
CA GLY C 339 25.20 15.42 -2.67
C GLY C 339 26.51 16.14 -2.93
N THR C 340 26.43 17.46 -3.06
CA THR C 340 27.61 18.28 -3.30
C THR C 340 28.39 18.40 -2.00
N VAL C 341 29.55 19.03 -2.06
CA VAL C 341 30.36 19.22 -0.86
C VAL C 341 29.64 20.22 0.03
N GLU C 342 29.34 21.39 -0.51
CA GLU C 342 28.64 22.41 0.24
C GLU C 342 27.46 21.81 1.02
N GLN C 343 26.76 20.89 0.37
CA GLN C 343 25.60 20.21 0.94
C GLN C 343 25.96 19.19 2.01
N ILE C 344 26.97 18.38 1.76
CA ILE C 344 27.38 17.41 2.76
C ILE C 344 27.84 18.18 4.00
N VAL C 345 28.36 19.38 3.78
CA VAL C 345 28.81 20.25 4.87
C VAL C 345 27.60 20.69 5.71
N TYR C 346 26.62 21.29 5.06
CA TYR C 346 25.39 21.76 5.70
C TYR C 346 24.82 20.66 6.61
N LEU C 347 24.86 19.44 6.09
CA LEU C 347 24.38 18.28 6.81
C LEU C 347 25.11 18.14 8.16
N VAL C 348 26.43 18.26 8.12
CA VAL C 348 27.21 18.16 9.35
C VAL C 348 26.88 19.33 10.27
N HIS C 349 26.67 20.50 9.67
CA HIS C 349 26.34 21.70 10.42
C HIS C 349 24.97 21.58 11.11
N CYS C 350 24.10 20.72 10.60
CA CYS C 350 22.79 20.54 11.20
C CYS C 350 22.87 19.62 12.41
N GLY C 351 24.01 18.95 12.57
CA GLY C 351 24.18 18.05 13.70
C GLY C 351 24.01 16.57 13.36
N ILE C 352 24.26 16.22 12.11
CA ILE C 352 24.09 14.83 11.71
C ILE C 352 25.07 13.88 12.38
N ILE C 353 26.28 14.35 12.65
CA ILE C 353 27.31 13.49 13.23
C ILE C 353 27.01 12.77 14.54
N GLU C 354 26.52 13.47 15.56
CA GLU C 354 26.28 12.79 16.82
C GLU C 354 25.23 11.69 16.74
N PRO C 355 23.97 12.04 16.42
CA PRO C 355 22.94 11.01 16.34
C PRO C 355 23.36 9.83 15.46
N LEU C 356 24.10 10.13 14.40
CA LEU C 356 24.58 9.11 13.47
C LEU C 356 25.56 8.17 14.15
N MET C 357 26.41 8.70 15.03
CA MET C 357 27.36 7.85 15.73
C MET C 357 26.65 6.95 16.73
N ASN C 358 25.78 7.54 17.54
CA ASN C 358 25.04 6.76 18.52
C ASN C 358 24.39 5.56 17.90
N LEU C 359 24.02 5.67 16.63
CA LEU C 359 23.37 4.55 15.96
C LEU C 359 24.29 3.39 15.67
N LEU C 360 25.60 3.60 15.79
CA LEU C 360 26.52 2.51 15.54
C LEU C 360 26.43 1.44 16.63
N SER C 361 25.80 1.78 17.74
CA SER C 361 25.64 0.85 18.86
C SER C 361 24.48 -0.10 18.62
N ALA C 362 23.73 0.15 17.55
CA ALA C 362 22.57 -0.66 17.20
C ALA C 362 22.92 -2.10 16.84
N LYS C 363 22.06 -3.02 17.28
CA LYS C 363 22.24 -4.44 17.02
C LYS C 363 21.70 -4.78 15.64
N ASP C 364 22.43 -4.39 14.60
CA ASP C 364 22.01 -4.64 13.23
C ASP C 364 23.20 -4.37 12.32
N THR C 365 23.82 -5.42 11.81
CA THR C 365 24.98 -5.24 10.95
C THR C 365 24.70 -4.37 9.72
N LYS C 366 23.51 -4.52 9.14
CA LYS C 366 23.15 -3.76 7.94
C LYS C 366 23.17 -2.24 8.10
N ILE C 367 22.53 -1.73 9.15
CA ILE C 367 22.52 -0.29 9.35
C ILE C 367 23.94 0.20 9.64
N ILE C 368 24.67 -0.60 10.41
CA ILE C 368 26.05 -0.25 10.77
C ILE C 368 26.88 0.02 9.52
N GLN C 369 26.53 -0.65 8.43
CA GLN C 369 27.22 -0.49 7.17
C GLN C 369 26.80 0.84 6.55
N VAL C 370 25.49 1.03 6.46
CA VAL C 370 24.94 2.23 5.88
C VAL C 370 25.51 3.49 6.54
N ILE C 371 25.77 3.41 7.84
CA ILE C 371 26.30 4.55 8.59
C ILE C 371 27.79 4.78 8.33
N LEU C 372 28.58 3.71 8.44
CA LEU C 372 30.01 3.81 8.18
C LEU C 372 30.15 4.29 6.76
N ASP C 373 29.32 3.73 5.89
CA ASP C 373 29.31 4.09 4.48
C ASP C 373 29.12 5.59 4.40
N ALA C 374 28.09 6.07 5.09
CA ALA C 374 27.75 7.49 5.14
C ALA C 374 28.91 8.33 5.65
N ILE C 375 29.54 7.88 6.74
CA ILE C 375 30.67 8.61 7.30
C ILE C 375 31.75 8.75 6.24
N SER C 376 32.06 7.63 5.59
CA SER C 376 33.05 7.60 4.53
C SER C 376 32.78 8.77 3.59
N ASN C 377 31.59 8.77 3.01
CA ASN C 377 31.17 9.82 2.09
C ASN C 377 31.45 11.20 2.65
N ILE C 378 31.15 11.40 3.94
CA ILE C 378 31.36 12.70 4.59
C ILE C 378 32.84 13.05 4.68
N PHE C 379 33.67 12.12 5.13
CA PHE C 379 35.10 12.38 5.23
C PHE C 379 35.63 12.82 3.88
N GLN C 380 35.29 12.07 2.83
CA GLN C 380 35.73 12.38 1.48
C GLN C 380 35.35 13.81 1.07
N ALA C 381 34.25 14.32 1.60
CA ALA C 381 33.84 15.67 1.27
C ALA C 381 34.74 16.61 2.07
N ALA C 382 35.07 16.19 3.29
CA ALA C 382 35.92 16.95 4.18
C ALA C 382 37.39 16.81 3.78
N GLU C 383 37.67 15.80 2.97
CA GLU C 383 39.02 15.56 2.50
C GLU C 383 39.30 16.59 1.40
N LYS C 384 38.23 16.99 0.71
CA LYS C 384 38.30 17.96 -0.37
C LYS C 384 38.38 19.39 0.16
N LEU C 385 38.29 19.54 1.47
CA LEU C 385 38.36 20.85 2.11
C LEU C 385 39.46 20.86 3.16
N GLY C 386 40.26 19.80 3.19
CA GLY C 386 41.34 19.69 4.16
C GLY C 386 40.85 19.81 5.59
N GLU C 387 39.61 19.39 5.81
CA GLU C 387 39.00 19.46 7.13
C GLU C 387 38.92 18.09 7.78
N THR C 388 39.47 17.09 7.11
CA THR C 388 39.45 15.73 7.63
C THR C 388 39.75 15.66 9.14
N GLU C 389 40.79 16.36 9.57
CA GLU C 389 41.13 16.34 10.99
C GLU C 389 39.98 16.85 11.84
N LYS C 390 39.54 18.09 11.59
CA LYS C 390 38.46 18.68 12.35
C LYS C 390 37.27 17.73 12.48
N LEU C 391 36.96 17.05 11.38
CA LEU C 391 35.87 16.09 11.37
C LEU C 391 36.21 14.97 12.36
N SER C 392 37.46 14.54 12.36
CA SER C 392 37.91 13.48 13.26
C SER C 392 37.62 13.84 14.70
N ILE C 393 37.95 15.08 15.07
CA ILE C 393 37.72 15.55 16.42
C ILE C 393 36.27 15.34 16.80
N MET C 394 35.35 15.94 16.04
CA MET C 394 33.92 15.79 16.31
C MET C 394 33.55 14.36 16.62
N ILE C 395 33.76 13.49 15.64
CA ILE C 395 33.46 12.07 15.78
C ILE C 395 34.14 11.53 17.02
N GLU C 396 35.23 12.16 17.42
CA GLU C 396 35.97 11.74 18.59
C GLU C 396 35.38 12.38 19.85
N GLU C 397 34.85 13.59 19.70
CA GLU C 397 34.25 14.35 20.80
C GLU C 397 33.04 13.62 21.37
N CYS C 398 32.15 13.19 20.49
CA CYS C 398 30.95 12.50 20.92
C CYS C 398 31.16 10.99 21.08
N GLY C 399 32.43 10.58 21.10
CA GLY C 399 32.75 9.17 21.29
C GLY C 399 32.44 8.27 20.12
N GLY C 400 32.44 8.83 18.92
CA GLY C 400 32.16 8.03 17.74
C GLY C 400 33.32 7.11 17.45
N LEU C 401 34.53 7.66 17.50
CA LEU C 401 35.73 6.87 17.24
C LEU C 401 35.80 5.68 18.18
N ASP C 402 35.32 5.90 19.39
CA ASP C 402 35.30 4.85 20.40
C ASP C 402 34.40 3.70 19.99
N LYS C 403 33.56 3.95 18.99
CA LYS C 403 32.64 2.93 18.51
C LYS C 403 33.11 2.34 17.19
N ILE C 404 33.90 3.11 16.45
CA ILE C 404 34.40 2.65 15.16
C ILE C 404 35.52 1.65 15.33
N GLU C 405 36.31 1.82 16.39
CA GLU C 405 37.41 0.90 16.65
C GLU C 405 36.87 -0.37 17.28
N ALA C 406 35.66 -0.26 17.84
CA ALA C 406 35.02 -1.41 18.43
C ALA C 406 34.47 -2.23 17.26
N LEU C 407 33.81 -1.54 16.33
CA LEU C 407 33.25 -2.19 15.14
C LEU C 407 34.41 -2.81 14.36
N GLN C 408 35.57 -2.18 14.47
CA GLN C 408 36.75 -2.66 13.79
C GLN C 408 36.96 -4.13 14.15
N ARG C 409 36.58 -4.48 15.37
CA ARG C 409 36.69 -5.85 15.87
C ARG C 409 35.33 -6.54 15.78
N HIS C 410 34.56 -6.17 14.76
CA HIS C 410 33.24 -6.75 14.53
C HIS C 410 33.44 -8.05 13.77
N GLU C 411 32.39 -8.88 13.72
CA GLU C 411 32.46 -10.15 13.02
C GLU C 411 32.27 -10.03 11.52
N ASN C 412 31.19 -9.38 11.11
CA ASN C 412 30.92 -9.23 9.68
C ASN C 412 32.09 -8.58 8.96
N GLU C 413 32.48 -9.15 7.83
CA GLU C 413 33.59 -8.63 7.05
C GLU C 413 33.39 -7.18 6.63
N SER C 414 32.33 -6.94 5.88
CA SER C 414 32.00 -5.60 5.40
C SER C 414 32.25 -4.58 6.50
N VAL C 415 31.88 -4.95 7.72
CA VAL C 415 32.03 -4.07 8.88
C VAL C 415 33.48 -3.82 9.30
N TYR C 416 34.08 -4.76 10.03
CA TYR C 416 35.46 -4.58 10.49
C TYR C 416 36.39 -3.98 9.45
N LYS C 417 36.17 -4.32 8.18
CA LYS C 417 36.99 -3.78 7.10
C LYS C 417 36.75 -2.28 6.93
N ALA C 418 35.49 -1.89 6.80
CA ALA C 418 35.13 -0.49 6.64
C ALA C 418 35.68 0.29 7.83
N SER C 419 35.55 -0.30 9.01
CA SER C 419 36.02 0.32 10.25
C SER C 419 37.50 0.63 10.15
N LEU C 420 38.31 -0.43 10.15
CA LEU C 420 39.76 -0.29 10.08
C LEU C 420 40.19 0.82 9.15
N ASN C 421 39.74 0.77 7.90
CA ASN C 421 40.10 1.78 6.93
C ASN C 421 39.94 3.17 7.54
N LEU C 422 38.75 3.45 8.04
CA LEU C 422 38.47 4.74 8.66
C LEU C 422 39.49 5.06 9.75
N ILE C 423 39.69 4.12 10.66
CA ILE C 423 40.62 4.32 11.77
C ILE C 423 41.99 4.79 11.32
N GLU C 424 42.70 3.92 10.62
CA GLU C 424 44.04 4.22 10.11
C GLU C 424 44.07 5.46 9.23
N LYS C 425 43.21 5.50 8.22
CA LYS C 425 43.17 6.62 7.29
C LYS C 425 42.76 7.98 7.86
N TYR C 426 41.94 7.99 8.90
CA TYR C 426 41.49 9.27 9.45
C TYR C 426 41.77 9.52 10.92
N PHE C 427 42.43 8.59 11.59
CA PHE C 427 42.73 8.76 13.01
C PHE C 427 44.16 8.38 13.39
N SER C 428 44.32 7.19 13.96
CA SER C 428 45.64 6.72 14.37
C SER C 428 46.65 6.86 13.23
#